data_4OR1
#
_entry.id   4OR1
#
_cell.length_a   81.755
_cell.length_b   81.755
_cell.length_c   222.703
_cell.angle_alpha   90.00
_cell.angle_beta   90.00
_cell.angle_gamma   120.00
#
_symmetry.space_group_name_H-M   'P 61 2 2'
#
loop_
_entity.id
_entity.type
_entity.pdbx_description
1 polymer 'Invasin homolog AafB, Major fimbrial subunit of aggregative adherence fimbria II AafA chimeric construct'
2 non-polymer 'SULFATE ION'
3 non-polymer 'ACETATE ION'
4 water water
#
_entity_poly.entity_id   1
_entity_poly.type   'polypeptide(L)'
_entity_poly.pdbx_seq_one_letter_code
;MRGSHHHHHHGSTEISLEGLHRNMGEQLFDGDILATGRIICRERHTGFHIQMNARQVEGRPGHYIVQGSKDTQSKLWVRL
GREGWTSPTGGGQQGIVRSGQEEQVIFDVMADGNQWAKPGEYIFSVSGKCLTSWEDNKQNATAVAKTATSTITVV
;
_entity_poly.pdbx_strand_id   A,B
#
# COMPACT_ATOMS: atom_id res chain seq x y z
N SER A 12 -9.09 -19.36 8.48
CA SER A 12 -10.20 -18.68 7.73
C SER A 12 -9.72 -18.19 6.36
N THR A 13 -8.61 -17.44 6.37
CA THR A 13 -8.06 -16.81 5.17
C THR A 13 -6.55 -16.99 5.11
N GLU A 14 -6.06 -17.91 4.29
CA GLU A 14 -4.60 -18.03 4.09
C GLU A 14 -4.13 -17.82 2.63
N ILE A 15 -2.99 -17.14 2.49
CA ILE A 15 -2.46 -16.73 1.19
C ILE A 15 -1.01 -17.13 1.05
N SER A 16 -0.64 -17.59 -0.13
CA SER A 16 0.72 -17.97 -0.39
C SER A 16 1.13 -17.49 -1.78
N LEU A 17 2.42 -17.17 -1.91
CA LEU A 17 2.99 -16.75 -3.17
C LEU A 17 4.34 -17.44 -3.39
N GLU A 18 4.55 -17.99 -4.59
CA GLU A 18 5.76 -18.77 -4.90
C GLU A 18 6.40 -18.29 -6.19
N GLY A 19 7.66 -17.83 -6.09
CA GLY A 19 8.45 -17.45 -7.27
C GLY A 19 8.88 -18.63 -8.13
N LEU A 20 9.61 -18.33 -9.20
CA LEU A 20 10.05 -19.36 -10.17
C LEU A 20 11.27 -20.19 -9.72
N HIS A 21 12.15 -19.59 -8.91
CA HIS A 21 13.28 -20.30 -8.26
C HIS A 21 14.04 -21.21 -9.22
N ASN A 23 15.82 -18.53 -10.90
CA ASN A 23 16.93 -18.40 -11.85
C ASN A 23 16.55 -17.60 -13.11
N MET A 24 16.09 -16.38 -12.90
CA MET A 24 15.69 -15.47 -13.99
C MET A 24 16.83 -15.02 -14.88
N GLY A 25 16.58 -14.91 -16.19
CA GLY A 25 17.45 -14.16 -17.11
C GLY A 25 17.07 -12.68 -17.15
N GLU A 26 17.88 -11.87 -17.81
CA GLU A 26 17.69 -10.43 -17.83
C GLU A 26 16.60 -9.96 -18.78
N GLN A 27 16.33 -10.75 -19.81
CA GLN A 27 15.37 -10.37 -20.83
C GLN A 27 14.02 -11.05 -20.57
N LEU A 28 13.01 -10.24 -20.27
CA LEU A 28 11.67 -10.73 -19.97
C LEU A 28 10.72 -10.44 -21.12
N PHE A 29 9.77 -11.34 -21.34
CA PHE A 29 8.77 -11.16 -22.37
C PHE A 29 7.38 -10.97 -21.78
N ASP A 30 6.52 -10.23 -22.48
CA ASP A 30 5.16 -10.01 -22.00
C ASP A 30 4.49 -11.32 -21.63
N GLY A 31 3.82 -11.33 -20.48
CA GLY A 31 3.11 -12.54 -20.06
C GLY A 31 3.93 -13.54 -19.27
N ASP A 32 5.26 -13.48 -19.37
CA ASP A 32 6.13 -14.37 -18.59
C ASP A 32 5.71 -14.39 -17.14
N ILE A 33 5.35 -15.57 -16.66
CA ILE A 33 4.97 -15.79 -15.28
C ILE A 33 6.22 -15.69 -14.40
N LEU A 34 6.19 -14.81 -13.40
CA LEU A 34 7.35 -14.60 -12.54
C LEU A 34 7.12 -15.16 -11.15
N ALA A 35 5.84 -15.32 -10.80
CA ALA A 35 5.45 -15.82 -9.49
C ALA A 35 4.00 -16.27 -9.54
N THR A 36 3.68 -17.22 -8.66
CA THR A 36 2.33 -17.77 -8.57
C THR A 36 1.89 -17.90 -7.13
N GLY A 37 0.60 -17.70 -6.89
CA GLY A 37 0.05 -17.81 -5.55
C GLY A 37 -1.38 -18.30 -5.52
N ARG A 38 -1.85 -18.61 -4.30
CA ARG A 38 -3.24 -18.98 -4.11
C ARG A 38 -3.79 -18.27 -2.89
N ILE A 39 -5.10 -18.02 -2.90
CA ILE A 39 -5.83 -17.61 -1.69
C ILE A 39 -6.77 -18.74 -1.31
N ILE A 40 -6.77 -19.12 -0.04
CA ILE A 40 -7.72 -20.10 0.49
C ILE A 40 -8.71 -19.37 1.40
N CYS A 41 -10.01 -19.55 1.14
CA CYS A 41 -11.05 -19.07 2.08
C CYS A 41 -11.86 -20.26 2.59
N ARG A 42 -11.93 -20.40 3.90
CA ARG A 42 -12.60 -21.55 4.54
C ARG A 42 -13.92 -21.19 5.19
N GLU A 43 -14.22 -19.90 5.28
CA GLU A 43 -15.54 -19.45 5.68
C GLU A 43 -16.33 -19.05 4.43
N ARG A 44 -17.64 -18.87 4.57
CA ARG A 44 -18.51 -18.54 3.44
C ARG A 44 -18.10 -17.24 2.79
N HIS A 45 -18.03 -17.24 1.46
CA HIS A 45 -17.62 -16.05 0.71
C HIS A 45 -18.27 -16.01 -0.68
N THR A 46 -18.36 -14.81 -1.25
CA THR A 46 -18.85 -14.63 -2.62
C THR A 46 -17.70 -14.40 -3.60
N GLY A 47 -16.54 -14.03 -3.08
CA GLY A 47 -15.37 -13.85 -3.94
C GLY A 47 -14.08 -13.48 -3.22
N PHE A 48 -13.07 -13.13 -4.01
CA PHE A 48 -11.74 -12.83 -3.50
C PHE A 48 -11.27 -11.43 -3.91
N HIS A 49 -10.52 -10.80 -3.03
CA HIS A 49 -9.82 -9.56 -3.36
C HIS A 49 -8.32 -9.79 -3.29
N ILE A 50 -7.58 -9.15 -4.19
CA ILE A 50 -6.12 -9.28 -4.25
C ILE A 50 -5.50 -7.94 -4.64
N GLN A 51 -4.39 -7.59 -4.02
CA GLN A 51 -3.66 -6.38 -4.41
C GLN A 51 -2.19 -6.60 -4.14
N MET A 52 -1.36 -5.89 -4.87
CA MET A 52 0.08 -6.02 -4.72
C MET A 52 0.56 -4.80 -3.95
N ASN A 53 1.44 -4.98 -2.99
CA ASN A 53 1.93 -3.82 -2.25
C ASN A 53 3.16 -3.25 -2.96
N ALA A 54 2.88 -2.51 -4.02
CA ALA A 54 3.88 -1.96 -4.91
C ALA A 54 3.24 -0.75 -5.54
N ARG A 55 4.04 0.17 -6.10
CA ARG A 55 3.45 1.31 -6.80
C ARG A 55 2.64 0.83 -7.99
N GLN A 56 1.44 1.39 -8.12
CA GLN A 56 0.56 1.02 -9.22
C GLN A 56 0.79 1.92 -10.41
N VAL A 57 0.66 1.36 -11.60
CA VAL A 57 0.67 2.17 -12.81
C VAL A 57 -0.54 3.11 -12.76
N GLU A 58 -0.33 4.36 -13.16
CA GLU A 58 -1.39 5.39 -13.05
C GLU A 58 -2.71 4.96 -13.67
N GLY A 59 -3.76 4.97 -12.85
CA GLY A 59 -5.11 4.65 -13.28
C GLY A 59 -5.36 3.26 -13.86
N ARG A 60 -4.46 2.31 -13.60
CA ARG A 60 -4.58 0.94 -14.16
C ARG A 60 -4.44 -0.15 -13.09
N PRO A 61 -5.55 -0.46 -12.40
CA PRO A 61 -5.59 -1.53 -11.42
C PRO A 61 -4.97 -2.81 -11.99
N GLY A 62 -4.24 -3.55 -11.18
CA GLY A 62 -3.64 -4.81 -11.61
C GLY A 62 -2.22 -4.69 -12.16
N HIS A 63 -1.81 -3.45 -12.48
CA HIS A 63 -0.50 -3.20 -13.07
C HIS A 63 0.42 -2.43 -12.14
N TYR A 64 1.65 -2.90 -12.00
CA TYR A 64 2.52 -2.44 -10.94
C TYR A 64 3.96 -2.22 -11.38
N ILE A 65 4.67 -1.39 -10.62
CA ILE A 65 6.09 -1.21 -10.80
C ILE A 65 6.80 -1.65 -9.53
N VAL A 66 7.49 -2.80 -9.60
CA VAL A 66 8.24 -3.31 -8.45
C VAL A 66 9.68 -2.79 -8.53
N GLN A 67 10.19 -2.26 -7.42
CA GLN A 67 11.55 -1.70 -7.35
C GLN A 67 12.55 -2.75 -6.85
N GLY A 68 13.83 -2.53 -7.11
CA GLY A 68 14.88 -3.44 -6.66
C GLY A 68 15.05 -3.41 -5.16
N SER A 69 15.62 -4.47 -4.59
CA SER A 69 15.80 -4.59 -3.14
C SER A 69 16.96 -3.71 -2.64
N LYS A 70 18.05 -3.67 -3.40
CA LYS A 70 19.19 -2.82 -3.07
C LYS A 70 19.46 -1.70 -4.07
N ASP A 71 18.73 -1.65 -5.19
CA ASP A 71 19.12 -0.78 -6.31
C ASP A 71 18.31 0.49 -6.53
N THR A 72 17.07 0.51 -6.03
CA THR A 72 16.16 1.64 -6.16
C THR A 72 15.80 1.86 -7.64
N GLN A 73 16.84 2.12 -8.43
CA GLN A 73 16.69 2.43 -9.84
C GLN A 73 16.17 1.25 -10.68
N SER A 74 16.47 0.02 -10.25
CA SER A 74 15.95 -1.19 -10.89
C SER A 74 14.44 -1.29 -10.75
N LYS A 75 13.72 -1.27 -11.86
CA LYS A 75 12.27 -1.40 -11.83
C LYS A 75 11.83 -2.59 -12.64
N LEU A 76 10.67 -3.13 -12.28
CA LEU A 76 10.13 -4.28 -12.97
C LEU A 76 8.66 -3.98 -13.22
N TRP A 77 8.23 -4.05 -14.47
CA TRP A 77 6.85 -3.76 -14.78
C TRP A 77 6.09 -5.05 -14.87
N VAL A 78 5.07 -5.19 -14.03
CA VAL A 78 4.45 -6.49 -13.81
C VAL A 78 2.95 -6.33 -13.67
N ARG A 79 2.20 -7.37 -14.06
CA ARG A 79 0.75 -7.36 -13.86
C ARG A 79 0.25 -8.61 -13.14
N LEU A 80 -0.87 -8.44 -12.42
CA LEU A 80 -1.54 -9.53 -11.73
C LEU A 80 -2.61 -10.17 -12.60
N GLY A 81 -3.14 -11.29 -12.13
CA GLY A 81 -4.33 -11.88 -12.73
C GLY A 81 -4.04 -13.12 -13.53
N ARG A 82 -5.00 -14.03 -13.60
CA ARG A 82 -4.85 -15.24 -14.39
C ARG A 82 -6.11 -15.49 -15.22
N GLU A 83 -7.27 -15.51 -14.58
CA GLU A 83 -8.52 -15.92 -15.22
C GLU A 83 -9.57 -14.81 -15.32
N GLY A 84 -10.27 -14.53 -14.23
CA GLY A 84 -11.49 -13.68 -14.26
C GLY A 84 -11.51 -12.51 -13.29
N TRP A 85 -10.37 -11.86 -13.15
CA TRP A 85 -10.25 -10.71 -12.25
C TRP A 85 -10.69 -9.40 -12.90
N THR A 86 -11.09 -8.43 -12.09
CA THR A 86 -11.62 -7.17 -12.61
C THR A 86 -11.39 -5.97 -11.68
N SER A 87 -11.50 -4.76 -12.25
CA SER A 87 -11.36 -3.50 -11.49
C SER A 87 -12.65 -3.12 -10.77
N PRO A 88 -12.58 -2.99 -9.44
CA PRO A 88 -13.73 -2.61 -8.62
C PRO A 88 -14.18 -1.15 -8.85
N GLN A 94 -7.87 0.62 -6.88
CA GLN A 94 -7.00 0.18 -5.79
C GLN A 94 -7.22 -1.31 -5.40
N GLY A 95 -6.77 -2.22 -6.27
CA GLY A 95 -6.90 -3.66 -6.06
C GLY A 95 -7.75 -4.28 -7.14
N ILE A 96 -7.67 -5.59 -7.34
CA ILE A 96 -8.54 -6.23 -8.32
C ILE A 96 -9.34 -7.39 -7.71
N VAL A 97 -10.43 -7.79 -8.35
CA VAL A 97 -11.43 -8.65 -7.71
C VAL A 97 -11.88 -9.82 -8.59
N ARG A 98 -12.13 -10.97 -7.96
CA ARG A 98 -12.68 -12.15 -8.65
C ARG A 98 -13.86 -12.77 -7.89
N SER A 99 -14.86 -13.26 -8.62
CA SER A 99 -16.02 -13.91 -8.01
C SER A 99 -15.80 -15.40 -7.86
N GLY A 100 -16.46 -15.99 -6.87
CA GLY A 100 -16.41 -17.41 -6.64
C GLY A 100 -16.79 -17.78 -5.23
N GLN A 101 -17.36 -18.97 -5.07
CA GLN A 101 -17.66 -19.49 -3.75
C GLN A 101 -16.72 -20.64 -3.41
N GLU A 102 -15.97 -21.10 -4.41
CA GLU A 102 -15.01 -22.20 -4.25
C GLU A 102 -14.00 -21.89 -3.17
N GLU A 103 -13.25 -22.90 -2.74
CA GLU A 103 -12.37 -22.75 -1.60
C GLU A 103 -11.12 -21.94 -1.89
N GLN A 104 -10.63 -22.00 -3.13
CA GLN A 104 -9.40 -21.29 -3.51
C GLN A 104 -9.32 -20.82 -4.96
N VAL A 105 -8.52 -19.78 -5.18
CA VAL A 105 -8.15 -19.31 -6.52
C VAL A 105 -6.66 -19.33 -6.72
N ILE A 106 -6.25 -19.48 -7.96
CA ILE A 106 -4.87 -19.31 -8.36
C ILE A 106 -4.73 -17.93 -9.00
N PHE A 107 -3.59 -17.28 -8.77
CA PHE A 107 -3.28 -16.03 -9.47
C PHE A 107 -1.80 -15.97 -9.84
N ASP A 108 -1.50 -15.16 -10.86
CA ASP A 108 -0.15 -15.03 -11.39
C ASP A 108 0.37 -13.58 -11.35
N VAL A 109 1.66 -13.43 -11.11
CA VAL A 109 2.35 -12.16 -11.31
C VAL A 109 3.17 -12.29 -12.59
N MET A 110 2.89 -11.42 -13.56
CA MET A 110 3.51 -11.56 -14.88
C MET A 110 4.27 -10.31 -15.30
N ALA A 111 5.28 -10.55 -16.14
CA ALA A 111 5.98 -9.46 -16.80
C ALA A 111 5.00 -8.69 -17.65
N ASP A 112 4.94 -7.38 -17.43
CA ASP A 112 4.04 -6.48 -18.14
C ASP A 112 4.77 -5.82 -19.31
N GLY A 113 4.62 -6.40 -20.50
CA GLY A 113 5.35 -5.99 -21.69
C GLY A 113 6.80 -6.48 -21.66
N ASN A 114 7.44 -6.55 -22.84
CA ASN A 114 8.85 -6.95 -22.94
C ASN A 114 9.74 -5.93 -22.25
N GLN A 115 10.75 -6.43 -21.53
CA GLN A 115 11.66 -5.55 -20.79
C GLN A 115 12.98 -6.23 -20.47
N TRP A 116 14.00 -5.41 -20.23
CA TRP A 116 15.31 -5.89 -19.82
C TRP A 116 15.52 -5.48 -18.38
N ALA A 117 15.48 -6.46 -17.47
CA ALA A 117 15.59 -6.18 -16.04
C ALA A 117 17.04 -6.10 -15.63
N LYS A 118 17.39 -5.05 -14.89
CA LYS A 118 18.70 -4.98 -14.25
C LYS A 118 18.84 -6.18 -13.31
N PRO A 119 20.06 -6.74 -13.19
CA PRO A 119 20.21 -7.88 -12.28
C PRO A 119 20.00 -7.46 -10.83
N GLY A 120 19.62 -8.43 -10.00
CA GLY A 120 19.40 -8.15 -8.59
C GLY A 120 18.18 -8.86 -8.04
N GLU A 121 17.67 -8.35 -6.93
CA GLU A 121 16.58 -9.00 -6.23
C GLU A 121 15.31 -8.20 -6.19
N TYR A 122 14.20 -8.87 -6.49
CA TYR A 122 12.91 -8.23 -6.48
C TYR A 122 11.96 -8.98 -5.57
N ILE A 123 11.42 -8.26 -4.58
CA ILE A 123 10.45 -8.81 -3.64
C ILE A 123 9.02 -8.54 -4.10
N PHE A 124 8.27 -9.60 -4.40
CA PHE A 124 6.84 -9.45 -4.70
C PHE A 124 6.08 -9.60 -3.40
N SER A 125 5.22 -8.64 -3.10
CA SER A 125 4.40 -8.71 -1.89
C SER A 125 2.94 -8.49 -2.22
N VAL A 126 2.12 -9.46 -1.85
CA VAL A 126 0.71 -9.50 -2.24
C VAL A 126 -0.21 -9.74 -1.05
N SER A 127 -1.28 -8.96 -0.94
CA SER A 127 -2.28 -9.14 0.12
C SER A 127 -3.64 -9.53 -0.43
N GLY A 128 -4.34 -10.41 0.30
CA GLY A 128 -5.66 -10.90 -0.12
C GLY A 128 -6.74 -10.86 0.97
N LYS A 129 -7.99 -10.65 0.53
CA LYS A 129 -9.17 -10.68 1.40
C LYS A 129 -10.14 -11.68 0.83
N CYS A 130 -11.00 -12.25 1.68
CA CYS A 130 -12.19 -13.00 1.21
C CYS A 130 -13.38 -12.05 1.26
N LEU A 131 -14.25 -12.13 0.27
CA LEU A 131 -15.37 -11.19 0.17
C LEU A 131 -16.70 -11.76 0.68
N THR A 132 -17.28 -11.07 1.67
CA THR A 132 -18.48 -11.52 2.37
C THR A 132 -19.76 -11.03 1.69
N THR A 142 -14.86 -4.63 5.68
CA THR A 142 -14.66 -4.87 7.11
C THR A 142 -13.85 -6.15 7.36
N ALA A 143 -13.10 -6.59 6.34
CA ALA A 143 -12.37 -7.87 6.39
C ALA A 143 -10.90 -7.68 6.78
N VAL A 144 -10.26 -8.78 7.18
CA VAL A 144 -8.83 -8.77 7.51
C VAL A 144 -8.04 -9.45 6.39
N ALA A 145 -6.97 -8.79 5.95
CA ALA A 145 -6.16 -9.30 4.84
C ALA A 145 -4.87 -9.95 5.33
N LYS A 146 -4.50 -11.07 4.74
CA LYS A 146 -3.18 -11.66 5.02
C LYS A 146 -2.23 -11.35 3.85
N THR A 147 -0.94 -11.24 4.16
CA THR A 147 0.09 -10.92 3.16
C THR A 147 1.03 -12.09 2.92
N ALA A 148 1.50 -12.24 1.68
CA ALA A 148 2.50 -13.25 1.35
C ALA A 148 3.55 -12.58 0.50
N THR A 149 4.79 -13.04 0.60
CA THR A 149 5.87 -12.44 -0.19
C THR A 149 6.78 -13.49 -0.78
N SER A 150 7.30 -13.19 -1.96
CA SER A 150 8.25 -14.07 -2.64
C SER A 150 9.32 -13.21 -3.27
N THR A 151 10.54 -13.73 -3.35
CA THR A 151 11.65 -13.01 -3.93
C THR A 151 12.08 -13.65 -5.24
N ILE A 152 12.36 -12.80 -6.22
CA ILE A 152 12.95 -13.26 -7.48
C ILE A 152 14.33 -12.64 -7.66
N THR A 153 15.25 -13.40 -8.25
CA THR A 153 16.61 -12.92 -8.49
C THR A 153 16.88 -12.90 -9.99
N VAL A 154 17.10 -11.70 -10.54
CA VAL A 154 17.50 -11.57 -11.94
C VAL A 154 19.02 -11.69 -11.99
N VAL A 155 19.48 -12.71 -12.71
CA VAL A 155 20.88 -13.12 -12.74
C VAL A 155 21.54 -12.45 -13.94
N SER B 12 -3.38 -4.29 21.33
CA SER B 12 -1.91 -4.45 21.13
C SER B 12 -1.36 -3.47 20.10
N THR B 13 -2.27 -2.95 19.27
CA THR B 13 -1.98 -1.91 18.27
C THR B 13 -3.25 -1.10 18.05
N GLU B 14 -3.19 0.20 18.30
CA GLU B 14 -4.32 1.08 18.00
C GLU B 14 -3.85 2.28 17.23
N ILE B 15 -4.49 2.53 16.10
CA ILE B 15 -4.22 3.75 15.37
C ILE B 15 -5.47 4.59 15.43
N SER B 16 -5.29 5.89 15.60
CA SER B 16 -6.43 6.80 15.54
C SER B 16 -6.05 8.04 14.75
N LEU B 17 -7.06 8.71 14.20
CA LEU B 17 -6.85 9.92 13.39
C LEU B 17 -8.02 10.87 13.56
N GLU B 18 -7.72 12.17 13.53
CA GLU B 18 -8.71 13.18 13.86
C GLU B 18 -8.41 14.49 13.13
N GLY B 19 -9.37 14.93 12.29
CA GLY B 19 -9.35 16.29 11.70
C GLY B 19 -9.35 17.37 12.78
N LEU B 20 -8.69 18.51 12.52
CA LEU B 20 -8.50 19.56 13.53
C LEU B 20 -9.70 20.50 13.65
N ASN B 23 -14.80 21.68 9.32
CA ASN B 23 -15.02 22.67 8.27
C ASN B 23 -13.91 23.74 8.24
N MET B 24 -13.45 24.05 7.02
CA MET B 24 -12.33 24.97 6.81
C MET B 24 -12.32 25.69 5.46
N GLY B 25 -11.39 26.63 5.33
CA GLY B 25 -11.31 27.53 4.18
C GLY B 25 -10.66 26.89 2.96
N GLU B 26 -10.87 27.50 1.79
CA GLU B 26 -10.39 26.98 0.50
C GLU B 26 -8.89 27.19 0.26
N GLN B 27 -8.31 28.17 0.96
CA GLN B 27 -6.90 28.49 0.77
C GLN B 27 -6.05 27.86 1.87
N LEU B 28 -5.20 26.91 1.47
CA LEU B 28 -4.33 26.20 2.37
C LEU B 28 -2.88 26.67 2.21
N PHE B 29 -2.15 26.71 3.32
CA PHE B 29 -0.74 27.08 3.28
C PHE B 29 0.14 25.89 3.63
N ASP B 30 1.37 25.87 3.10
CA ASP B 30 2.31 24.79 3.39
C ASP B 30 2.42 24.58 4.89
N GLY B 31 2.40 23.32 5.30
CA GLY B 31 2.53 23.00 6.71
C GLY B 31 1.25 23.02 7.53
N ASP B 32 0.21 23.66 7.03
CA ASP B 32 -1.09 23.66 7.73
C ASP B 32 -1.49 22.25 8.14
N ILE B 33 -1.66 22.05 9.43
CA ILE B 33 -2.07 20.76 9.98
C ILE B 33 -3.56 20.55 9.68
N LEU B 34 -3.88 19.43 9.02
CA LEU B 34 -5.26 19.17 8.62
C LEU B 34 -5.86 18.05 9.43
N ALA B 35 -4.99 17.24 10.04
CA ALA B 35 -5.42 16.08 10.84
C ALA B 35 -4.26 15.61 11.70
N THR B 36 -4.59 14.97 12.82
CA THR B 36 -3.60 14.45 13.76
C THR B 36 -4.01 13.06 14.24
N GLY B 37 -3.00 12.22 14.50
CA GLY B 37 -3.24 10.86 14.96
C GLY B 37 -2.16 10.31 15.86
N ARG B 38 -2.44 9.16 16.46
CA ARG B 38 -1.45 8.46 17.27
C ARG B 38 -1.46 6.98 16.93
N ILE B 39 -0.30 6.33 17.07
CA ILE B 39 -0.22 4.88 17.11
C ILE B 39 0.17 4.47 18.53
N ILE B 40 -0.56 3.51 19.10
CA ILE B 40 -0.21 2.92 20.39
C ILE B 40 0.28 1.49 20.14
N CYS B 41 1.47 1.16 20.63
CA CYS B 41 1.96 -0.21 20.62
C CYS B 41 2.19 -0.70 22.03
N ARG B 42 1.55 -1.82 22.37
CA ARG B 42 1.57 -2.34 23.74
C ARG B 42 2.43 -3.58 23.92
N GLU B 43 2.90 -4.15 22.82
CA GLU B 43 3.90 -5.19 22.88
C GLU B 43 5.26 -4.60 22.52
N ARG B 44 6.35 -5.32 22.83
CA ARG B 44 7.69 -4.80 22.61
C ARG B 44 7.94 -4.52 21.14
N HIS B 45 8.52 -3.36 20.86
CA HIS B 45 8.77 -2.91 19.49
C HIS B 45 10.02 -2.04 19.41
N THR B 46 10.58 -1.95 18.21
CA THR B 46 11.73 -1.07 17.95
C THR B 46 11.30 0.22 17.24
N GLY B 47 10.12 0.20 16.64
CA GLY B 47 9.60 1.40 15.98
C GLY B 47 8.22 1.27 15.39
N PHE B 48 7.84 2.28 14.62
CA PHE B 48 6.52 2.38 14.03
C PHE B 48 6.58 2.51 12.52
N HIS B 49 5.59 1.93 11.85
CA HIS B 49 5.39 2.16 10.42
C HIS B 49 4.04 2.85 10.19
N ILE B 50 4.02 3.74 9.22
CA ILE B 50 2.81 4.50 8.88
C ILE B 50 2.72 4.66 7.36
N GLN B 51 1.53 4.49 6.81
CA GLN B 51 1.31 4.79 5.41
C GLN B 51 -0.10 5.34 5.27
N MET B 52 -0.29 6.16 4.25
CA MET B 52 -1.59 6.74 4.00
C MET B 52 -2.17 5.98 2.82
N ASN B 53 -3.44 5.62 2.87
CA ASN B 53 -4.02 4.90 1.75
C ASN B 53 -4.57 5.90 0.72
N ALA B 54 -3.64 6.44 -0.05
CA ALA B 54 -3.87 7.50 -1.00
C ALA B 54 -2.75 7.38 -2.02
N ARG B 55 -2.93 7.95 -3.21
CA ARG B 55 -1.84 7.95 -4.19
C ARG B 55 -0.63 8.71 -3.66
N GLN B 56 0.54 8.12 -3.81
CA GLN B 56 1.77 8.76 -3.35
C GLN B 56 2.37 9.62 -4.45
N VAL B 57 2.97 10.74 -4.06
CA VAL B 57 3.74 11.55 -4.98
C VAL B 57 4.93 10.71 -5.43
N GLU B 58 5.25 10.79 -6.73
CA GLU B 58 6.32 9.99 -7.32
C GLU B 58 7.64 10.11 -6.58
N GLY B 59 8.14 8.96 -6.13
CA GLY B 59 9.43 8.87 -5.46
C GLY B 59 9.59 9.64 -4.14
N ARG B 60 8.48 10.02 -3.52
CA ARG B 60 8.52 10.77 -2.27
C ARG B 60 7.65 10.18 -1.17
N PRO B 61 8.18 9.19 -0.44
CA PRO B 61 7.49 8.64 0.72
C PRO B 61 7.01 9.77 1.63
N GLY B 62 5.83 9.60 2.21
CA GLY B 62 5.26 10.62 3.09
C GLY B 62 4.39 11.66 2.41
N HIS B 63 4.48 11.77 1.09
CA HIS B 63 3.74 12.79 0.34
C HIS B 63 2.65 12.18 -0.53
N TYR B 64 1.45 12.74 -0.44
CA TYR B 64 0.28 12.09 -1.00
C TYR B 64 -0.67 13.03 -1.73
N ILE B 65 -1.49 12.46 -2.59
CA ILE B 65 -2.54 13.17 -3.26
C ILE B 65 -3.88 12.54 -2.85
N VAL B 66 -4.64 13.25 -2.02
CA VAL B 66 -5.93 12.76 -1.55
C VAL B 66 -7.03 13.27 -2.49
N GLN B 67 -7.91 12.36 -2.93
CA GLN B 67 -8.97 12.67 -3.89
C GLN B 67 -10.28 13.01 -3.17
N GLY B 68 -11.17 13.72 -3.88
CA GLY B 68 -12.47 14.12 -3.34
C GLY B 68 -13.37 12.91 -3.17
N SER B 69 -14.38 13.05 -2.30
CA SER B 69 -15.30 11.96 -1.98
C SER B 69 -16.29 11.69 -3.11
N LYS B 70 -16.83 12.74 -3.73
CA LYS B 70 -17.73 12.57 -4.88
C LYS B 70 -17.11 13.07 -6.20
N ASP B 71 -16.23 14.06 -6.08
CA ASP B 71 -15.51 14.57 -7.25
C ASP B 71 -14.06 14.10 -7.20
N THR B 72 -13.80 12.91 -7.72
CA THR B 72 -12.43 12.37 -7.77
C THR B 72 -11.43 13.24 -8.56
N GLN B 73 -11.91 14.28 -9.24
CA GLN B 73 -11.03 15.26 -9.85
C GLN B 73 -10.48 16.25 -8.80
N SER B 74 -11.21 16.47 -7.69
CA SER B 74 -10.71 17.30 -6.58
C SER B 74 -9.53 16.62 -5.90
N LYS B 75 -8.38 17.27 -5.89
CA LYS B 75 -7.21 16.71 -5.23
C LYS B 75 -6.70 17.58 -4.11
N LEU B 76 -6.02 16.98 -3.14
CA LEU B 76 -5.46 17.69 -2.02
C LEU B 76 -4.04 17.19 -1.85
N TRP B 77 -3.06 18.07 -1.86
CA TRP B 77 -1.68 17.62 -1.76
C TRP B 77 -1.24 17.76 -0.33
N VAL B 78 -0.85 16.64 0.28
CA VAL B 78 -0.68 16.57 1.71
C VAL B 78 0.55 15.75 2.05
N ARG B 79 1.19 16.05 3.18
CA ARG B 79 2.31 15.23 3.65
C ARG B 79 2.13 14.78 5.09
N LEU B 80 2.73 13.63 5.41
CA LEU B 80 2.73 13.06 6.75
C LEU B 80 3.96 13.49 7.51
N GLY B 81 3.95 13.19 8.81
CA GLY B 81 5.15 13.31 9.61
C GLY B 81 5.15 14.49 10.55
N ARG B 82 5.85 14.33 11.66
CA ARG B 82 6.05 15.42 12.58
C ARG B 82 7.52 15.56 12.96
N GLU B 83 8.13 14.46 13.42
CA GLU B 83 9.46 14.54 14.03
C GLU B 83 10.54 13.78 13.25
N GLY B 84 10.56 12.46 13.35
CA GLY B 84 11.72 11.67 12.89
C GLY B 84 11.44 10.54 11.93
N TRP B 85 10.50 10.77 11.01
CA TRP B 85 10.12 9.74 10.04
C TRP B 85 11.02 9.70 8.82
N THR B 86 11.11 8.55 8.16
CA THR B 86 12.02 8.39 7.02
C THR B 86 11.57 7.33 6.00
N SER B 87 12.15 7.40 4.80
CA SER B 87 12.02 6.38 3.77
C SER B 87 12.67 5.08 4.20
N PRO B 88 11.93 3.96 4.12
CA PRO B 88 12.38 2.68 4.63
C PRO B 88 13.30 1.88 3.70
N THR B 89 13.90 0.83 4.26
CA THR B 89 14.60 -0.19 3.49
C THR B 89 14.30 -1.58 4.07
N GLN B 93 9.59 -2.25 1.39
CA GLN B 93 8.40 -1.64 1.98
C GLN B 93 7.87 -0.48 1.12
N GLN B 94 6.72 0.10 1.52
CA GLN B 94 6.11 1.25 0.82
C GLN B 94 5.31 2.19 1.73
N GLY B 95 5.98 2.88 2.64
CA GLY B 95 5.37 3.88 3.52
C GLY B 95 6.52 4.65 4.16
N ILE B 96 6.31 5.26 5.34
CA ILE B 96 7.45 5.88 6.04
C ILE B 96 7.60 5.34 7.48
N VAL B 97 8.77 5.51 8.06
CA VAL B 97 9.14 4.77 9.28
C VAL B 97 9.78 5.65 10.35
N ARG B 98 9.48 5.36 11.61
CA ARG B 98 10.10 6.05 12.76
C ARG B 98 10.57 5.07 13.84
N SER B 99 11.69 5.39 14.49
CA SER B 99 12.23 4.55 15.57
C SER B 99 11.67 4.97 16.93
N GLY B 100 11.61 4.01 17.84
CA GLY B 100 11.17 4.27 19.21
C GLY B 100 10.74 2.99 19.88
N GLN B 101 10.94 2.91 21.20
CA GLN B 101 10.47 1.80 22.00
C GLN B 101 9.29 2.24 22.86
N GLU B 102 9.10 3.56 22.94
CA GLU B 102 8.04 4.18 23.74
C GLU B 102 6.68 3.66 23.30
N GLU B 103 5.66 3.92 24.11
CA GLU B 103 4.35 3.30 23.89
C GLU B 103 3.58 3.89 22.72
N GLN B 104 3.78 5.17 22.44
CA GLN B 104 3.06 5.85 21.36
C GLN B 104 3.82 6.97 20.65
N VAL B 105 3.42 7.22 19.40
CA VAL B 105 3.87 8.39 18.64
C VAL B 105 2.68 9.24 18.20
N ILE B 106 2.93 10.53 18.07
CA ILE B 106 1.99 11.44 17.45
C ILE B 106 2.47 11.68 16.02
N PHE B 107 1.53 11.81 15.09
CA PHE B 107 1.86 12.18 13.72
C PHE B 107 0.83 13.15 13.14
N ASP B 108 1.22 13.91 12.11
CA ASP B 108 0.37 14.94 11.51
C ASP B 108 0.18 14.74 10.01
N VAL B 109 -0.99 15.10 9.50
CA VAL B 109 -1.23 15.19 8.07
C VAL B 109 -1.29 16.66 7.72
N MET B 110 -0.40 17.11 6.84
CA MET B 110 -0.28 18.55 6.55
C MET B 110 -0.47 18.87 5.09
N ALA B 111 -0.94 20.09 4.83
CA ALA B 111 -0.97 20.64 3.49
C ALA B 111 0.45 20.68 2.94
N ASP B 112 0.63 20.07 1.77
CA ASP B 112 1.92 20.01 1.09
C ASP B 112 2.01 21.12 0.04
N GLY B 113 2.64 22.23 0.44
CA GLY B 113 2.71 23.44 -0.37
C GLY B 113 1.40 24.21 -0.36
N ASN B 114 1.47 25.51 -0.68
CA ASN B 114 0.27 26.34 -0.76
C ASN B 114 -0.63 25.88 -1.88
N GLN B 115 -1.94 25.88 -1.63
CA GLN B 115 -2.91 25.40 -2.62
C GLN B 115 -4.32 25.91 -2.33
N TRP B 116 -5.14 25.93 -3.38
CA TRP B 116 -6.53 26.31 -3.27
C TRP B 116 -7.37 25.06 -3.51
N ALA B 117 -7.98 24.53 -2.45
CA ALA B 117 -8.76 23.30 -2.54
C ALA B 117 -10.16 23.57 -3.04
N LYS B 118 -10.63 22.77 -3.99
CA LYS B 118 -12.04 22.79 -4.38
C LYS B 118 -12.87 22.41 -3.15
N PRO B 119 -14.06 23.01 -2.99
CA PRO B 119 -14.88 22.64 -1.83
C PRO B 119 -15.35 21.19 -1.92
N GLY B 120 -15.65 20.61 -0.77
CA GLY B 120 -16.12 19.24 -0.72
C GLY B 120 -15.53 18.45 0.43
N GLU B 121 -15.58 17.13 0.29
CA GLU B 121 -15.14 16.27 1.38
C GLU B 121 -13.96 15.40 1.02
N TYR B 122 -13.00 15.37 1.93
CA TYR B 122 -11.78 14.60 1.74
C TYR B 122 -11.58 13.63 2.89
N ILE B 123 -11.46 12.34 2.55
CA ILE B 123 -11.23 11.29 3.54
C ILE B 123 -9.74 10.99 3.69
N PHE B 124 -9.20 11.22 4.88
CA PHE B 124 -7.84 10.79 5.18
C PHE B 124 -7.90 9.40 5.76
N SER B 125 -7.16 8.47 5.18
CA SER B 125 -7.12 7.10 5.68
C SER B 125 -5.70 6.65 5.88
N VAL B 126 -5.38 6.27 7.11
CA VAL B 126 -4.00 5.98 7.50
C VAL B 126 -3.90 4.63 8.20
N SER B 127 -2.91 3.82 7.79
CA SER B 127 -2.65 2.52 8.43
C SER B 127 -1.30 2.49 9.11
N GLY B 128 -1.25 1.84 10.27
CA GLY B 128 -0.02 1.73 11.06
C GLY B 128 0.35 0.31 11.48
N LYS B 129 1.67 0.05 11.57
CA LYS B 129 2.21 -1.20 12.08
C LYS B 129 3.14 -0.87 13.24
N CYS B 130 3.33 -1.81 14.16
CA CYS B 130 4.42 -1.75 15.14
C CYS B 130 5.56 -2.61 14.61
N LEU B 131 6.79 -2.15 14.79
CA LEU B 131 7.94 -2.85 14.20
C LEU B 131 8.71 -3.71 15.19
N THR B 132 8.80 -5.01 14.87
CA THR B 132 9.49 -6.02 15.69
C THR B 132 10.99 -6.05 15.42
N SER B 133 11.41 -5.38 14.34
CA SER B 133 12.82 -5.15 13.97
C SER B 133 12.93 -4.23 12.75
N GLN B 139 15.81 -4.62 8.94
CA GLN B 139 15.36 -6.01 8.97
C GLN B 139 13.83 -6.06 8.88
N ASN B 140 13.27 -7.28 8.83
CA ASN B 140 11.82 -7.46 8.63
C ASN B 140 11.11 -8.59 9.39
N ALA B 141 9.77 -8.61 9.25
CA ALA B 141 8.85 -9.52 9.93
C ALA B 141 7.43 -9.18 9.48
N THR B 142 6.50 -10.13 9.58
CA THR B 142 5.12 -9.97 9.09
C THR B 142 4.09 -9.61 10.19
N ALA B 143 3.84 -8.31 10.37
CA ALA B 143 2.87 -7.81 11.35
C ALA B 143 1.56 -7.39 10.69
N VAL B 144 0.52 -7.15 11.50
CA VAL B 144 -0.80 -6.77 11.00
C VAL B 144 -1.07 -5.30 11.28
N ALA B 145 -1.57 -4.57 10.29
CA ALA B 145 -1.79 -3.13 10.39
C ALA B 145 -3.24 -2.77 10.68
N LYS B 146 -3.46 -1.82 11.58
CA LYS B 146 -4.82 -1.31 11.80
C LYS B 146 -4.99 0.04 11.07
N THR B 147 -6.21 0.33 10.62
CA THR B 147 -6.50 1.54 9.85
C THR B 147 -7.39 2.52 10.66
N ALA B 148 -7.18 3.82 10.46
CA ALA B 148 -8.04 4.83 11.04
C ALA B 148 -8.36 5.83 9.94
N THR B 149 -9.54 6.45 10.00
CA THR B 149 -9.91 7.43 8.98
C THR B 149 -10.57 8.66 9.59
N SER B 150 -10.36 9.80 8.96
CA SER B 150 -10.99 11.05 9.34
C SER B 150 -11.42 11.77 8.08
N THR B 151 -12.50 12.54 8.16
CA THR B 151 -12.98 13.31 7.02
C THR B 151 -12.79 14.80 7.26
N ILE B 152 -12.35 15.50 6.23
CA ILE B 152 -12.26 16.95 6.27
C ILE B 152 -13.18 17.56 5.22
N THR B 153 -13.79 18.70 5.55
CA THR B 153 -14.72 19.36 4.64
C THR B 153 -14.18 20.75 4.29
N VAL B 154 -13.89 20.95 3.00
CA VAL B 154 -13.52 22.28 2.53
C VAL B 154 -14.80 23.00 2.14
N VAL B 155 -15.09 24.10 2.83
CA VAL B 155 -16.28 24.91 2.54
C VAL B 155 -15.99 26.04 1.55
#